data_5NF5
#
_entry.id   5NF5
#
_cell.length_a   70.334
_cell.length_b   70.334
_cell.length_c   231.913
_cell.angle_alpha   90.00
_cell.angle_beta   90.00
_cell.angle_gamma   90.00
#
_symmetry.space_group_name_H-M   'P 41 21 2'
#
loop_
_entity.id
_entity.type
_entity.pdbx_description
1 polymer 'Glutamate receptor ionotropic, kainate 1,Glutamate receptor ionotropic, kainate 1'
2 non-polymer 'CHLORIDE ION'
3 non-polymer '(3~{a}~{S},4~{S},6~{a}~{R})-4,5,6,6~{a}-tetrahydro-3~{a}~{H}-pyrrolo[3,4-d][1,2]oxazole-3,4-dicarboxylic acid'
4 non-polymer GLYCEROL
5 non-polymer 'SULFATE ION'
#
_entity_poly.entity_id   1
_entity_poly.type   'polypeptide(L)'
_entity_poly.pdbx_seq_one_letter_code
;GANRTLIVTTILEEPYVMYRKSDKPLYGNDRFEGYCLDLLKELSNILGFLYDVKLVPDGKYGAQNDKGEWNGMVKELIDH
RADLAVAPLTITYVREKVIDFSKPFMTLGISILYRKGTPIDSADDLAKQTKIEYGAVRDGSTMTFFKKSKISTYEKMWAF
MSSRQQSALVKNSDEGIQRVLTTDYALLMESTSIEYVTQRNCNLTQIGGLIDSKGYGVGTPIGSPYRDKITIAILQLQEE
GKLHMMKEKWWRGNGCP
;
_entity_poly.pdbx_strand_id   B,A
#
# COMPACT_ATOMS: atom_id res chain seq x y z
N ASN A 3 17.34 -27.29 11.60
CA ASN A 3 16.36 -26.21 11.66
C ASN A 3 16.85 -25.12 12.62
N ARG A 4 17.26 -23.99 12.05
CA ARG A 4 17.84 -22.90 12.83
C ARG A 4 16.76 -21.92 13.29
N THR A 5 17.03 -21.29 14.41
CA THR A 5 16.15 -20.27 14.98
C THR A 5 16.59 -18.90 14.47
N LEU A 6 15.69 -18.21 13.79
CA LEU A 6 16.02 -16.90 13.22
C LEU A 6 16.05 -15.84 14.31
N ILE A 7 16.93 -14.86 14.12
CA ILE A 7 17.03 -13.72 15.03
C ILE A 7 16.18 -12.58 14.47
N VAL A 8 15.23 -12.10 15.27
CA VAL A 8 14.31 -11.04 14.85
C VAL A 8 14.61 -9.80 15.67
N THR A 9 15.20 -8.79 15.04
CA THR A 9 15.41 -7.51 15.69
C THR A 9 14.10 -6.73 15.71
N THR A 10 13.85 -6.01 16.80
CA THR A 10 12.64 -5.20 16.87
C THR A 10 12.86 -4.07 17.86
N ILE A 11 11.78 -3.32 18.14
CA ILE A 11 11.88 -2.10 18.94
C ILE A 11 10.56 -1.93 19.70
N LEU A 12 10.65 -1.32 20.88
CA LEU A 12 9.48 -1.08 21.72
C LEU A 12 8.69 0.11 21.19
N GLU A 13 7.43 -0.13 20.84
CA GLU A 13 6.55 0.90 20.30
C GLU A 13 5.12 0.40 20.41
N GLU A 14 4.23 1.24 20.94
CA GLU A 14 2.83 0.85 21.06
C GLU A 14 2.11 0.97 19.72
N PRO A 15 1.26 -0.02 19.37
CA PRO A 15 1.00 -1.33 19.98
C PRO A 15 1.74 -2.45 19.27
N TYR A 16 2.88 -2.13 18.65
CA TYR A 16 3.60 -3.10 17.85
C TYR A 16 4.37 -4.09 18.72
N VAL A 17 5.16 -3.60 19.66
CA VAL A 17 5.96 -4.44 20.55
C VAL A 17 6.00 -3.78 21.92
N MET A 18 5.62 -4.52 22.96
CA MET A 18 5.48 -3.96 24.30
C MET A 18 5.82 -5.03 25.32
N TYR A 19 6.36 -4.58 26.46
CA TYR A 19 6.58 -5.46 27.60
C TYR A 19 5.23 -5.90 28.18
N ARG A 20 5.10 -7.19 28.45
CA ARG A 20 3.92 -7.71 29.14
C ARG A 20 3.91 -7.24 30.59
N LYS A 21 2.71 -7.13 31.15
CA LYS A 21 2.56 -6.97 32.59
C LYS A 21 2.48 -8.35 33.22
N SER A 22 3.33 -8.60 34.22
CA SER A 22 3.47 -9.94 34.76
C SER A 22 3.76 -9.90 36.24
N ASP A 23 3.14 -10.83 36.98
CA ASP A 23 3.43 -11.01 38.39
C ASP A 23 4.75 -11.73 38.62
N LYS A 24 5.32 -12.30 37.58
CA LYS A 24 6.57 -13.04 37.64
C LYS A 24 7.47 -12.63 36.50
N PRO A 25 8.77 -12.87 36.60
CA PRO A 25 9.68 -12.57 35.49
C PRO A 25 9.41 -13.45 34.28
N LEU A 26 9.48 -12.86 33.10
CA LEU A 26 9.30 -13.57 31.85
C LEU A 26 10.63 -13.66 31.11
N TYR A 27 10.72 -14.64 30.22
CA TYR A 27 11.95 -14.89 29.48
C TYR A 27 11.60 -15.17 28.02
N GLY A 28 12.55 -14.86 27.14
CA GLY A 28 12.37 -15.14 25.74
C GLY A 28 11.22 -14.34 25.15
N ASN A 29 10.65 -14.89 24.07
CA ASN A 29 9.56 -14.22 23.38
C ASN A 29 8.37 -13.97 24.31
N ASP A 30 8.26 -14.73 25.40
CA ASP A 30 7.15 -14.53 26.32
C ASP A 30 7.20 -13.18 27.01
N ARG A 31 8.30 -12.42 26.84
CA ARG A 31 8.39 -11.11 27.47
C ARG A 31 7.55 -10.06 26.76
N PHE A 32 7.24 -10.26 25.48
CA PHE A 32 6.66 -9.21 24.66
C PHE A 32 5.27 -9.60 24.16
N GLU A 33 4.50 -8.58 23.81
CA GLU A 33 3.21 -8.74 23.16
C GLU A 33 2.96 -7.54 22.25
N GLY A 34 2.04 -7.70 21.31
CA GLY A 34 1.67 -6.62 20.42
C GLY A 34 1.44 -7.08 19.00
N TYR A 35 1.13 -6.13 18.11
CA TYR A 35 0.83 -6.45 16.71
C TYR A 35 1.94 -7.29 16.09
N CYS A 36 3.20 -6.89 16.32
CA CYS A 36 4.32 -7.54 15.64
C CYS A 36 4.54 -8.96 16.14
N LEU A 37 4.20 -9.24 17.39
CA LEU A 37 4.33 -10.60 17.90
C LEU A 37 3.26 -11.52 17.29
N ASP A 38 2.02 -11.06 17.22
CA ASP A 38 0.99 -11.81 16.51
C ASP A 38 1.41 -12.06 15.06
N LEU A 39 1.94 -11.01 14.40
CA LEU A 39 2.42 -11.16 13.04
C LEU A 39 3.47 -12.26 12.95
N LEU A 40 4.45 -12.25 13.86
CA LEU A 40 5.47 -13.28 13.84
C LEU A 40 4.86 -14.66 14.06
N LYS A 41 3.85 -14.75 14.91
CA LYS A 41 3.20 -16.04 15.17
C LYS A 41 2.55 -16.58 13.91
N GLU A 42 1.80 -15.74 13.19
CA GLU A 42 1.16 -16.18 11.95
C GLU A 42 2.20 -16.50 10.87
N LEU A 43 3.22 -15.65 10.72
CA LEU A 43 4.23 -15.88 9.70
C LEU A 43 4.96 -17.19 9.93
N SER A 44 5.32 -17.49 11.17
CA SER A 44 5.92 -18.79 11.46
C SER A 44 4.93 -19.90 11.17
N ASN A 45 3.67 -19.71 11.56
CA ASN A 45 2.65 -20.72 11.30
C ASN A 45 2.60 -21.07 9.82
N ILE A 46 2.84 -20.09 8.94
CA ILE A 46 2.79 -20.34 7.50
C ILE A 46 4.10 -20.92 7.00
N LEU A 47 5.22 -20.31 7.38
CA LEU A 47 6.54 -20.70 6.88
C LEU A 47 7.21 -21.76 7.73
N GLY A 48 6.75 -21.95 8.97
CA GLY A 48 7.27 -23.02 9.81
C GLY A 48 8.67 -22.82 10.35
N PHE A 49 9.03 -21.59 10.70
CA PHE A 49 10.34 -21.28 11.26
C PHE A 49 10.21 -20.88 12.71
N LEU A 50 11.26 -21.16 13.47
CA LEU A 50 11.36 -20.70 14.85
C LEU A 50 12.06 -19.35 14.90
N TYR A 51 11.65 -18.51 15.84
CA TYR A 51 12.15 -17.15 15.92
C TYR A 51 12.52 -16.79 17.36
N ASP A 52 13.48 -15.87 17.47
CA ASP A 52 13.99 -15.38 18.74
C ASP A 52 14.02 -13.86 18.68
N VAL A 53 13.21 -13.21 19.49
CA VAL A 53 13.04 -11.76 19.43
C VAL A 53 14.10 -11.08 20.29
N LYS A 54 14.84 -10.16 19.65
CA LYS A 54 15.91 -9.38 20.28
C LYS A 54 15.61 -7.90 20.08
N LEU A 55 15.61 -7.14 21.17
CA LEU A 55 15.43 -5.69 21.07
C LEU A 55 16.70 -5.06 20.54
N VAL A 56 16.55 -4.18 19.54
CA VAL A 56 17.71 -3.54 18.93
C VAL A 56 18.48 -2.76 20.00
N PRO A 57 19.79 -2.97 20.15
CA PRO A 57 20.49 -2.36 21.31
C PRO A 57 20.38 -0.84 21.39
N ASP A 58 20.67 -0.11 20.30
CA ASP A 58 20.65 1.35 20.34
C ASP A 58 19.24 1.94 20.33
N GLY A 59 18.20 1.11 20.24
CA GLY A 59 16.83 1.61 20.32
C GLY A 59 16.42 2.56 19.22
N LYS A 60 16.91 2.36 18.00
CA LYS A 60 16.60 3.24 16.88
C LYS A 60 16.11 2.41 15.70
N TYR A 61 15.37 3.06 14.81
CA TYR A 61 14.87 2.37 13.62
C TYR A 61 15.95 2.25 12.55
N GLY A 62 16.50 3.38 12.11
CA GLY A 62 17.56 3.35 11.13
C GLY A 62 17.72 4.63 10.35
N ALA A 63 18.88 5.27 10.49
CA ALA A 63 19.18 6.52 9.80
C ALA A 63 20.67 6.58 9.52
N GLN A 64 21.05 7.53 8.67
CA GLN A 64 22.44 7.73 8.26
C GLN A 64 23.05 8.91 9.01
N ASN A 65 24.35 8.80 9.26
CA ASN A 65 25.14 9.88 9.82
C ASN A 65 25.83 10.65 8.68
N ASP A 66 26.75 11.54 9.05
CA ASP A 66 27.46 12.33 8.03
C ASP A 66 28.29 11.43 7.11
N LYS A 67 28.89 10.37 7.66
CA LYS A 67 29.73 9.49 6.85
C LYS A 67 28.92 8.49 6.02
N GLY A 68 27.61 8.41 6.23
CA GLY A 68 26.79 7.48 5.50
C GLY A 68 26.62 6.13 6.16
N GLU A 69 27.00 6.00 7.44
CA GLU A 69 26.89 4.75 8.17
C GLU A 69 25.53 4.67 8.85
N TRP A 70 25.01 3.47 8.94
CA TRP A 70 23.65 3.25 9.43
C TRP A 70 23.66 2.82 10.89
N ASN A 71 22.50 2.93 11.52
CA ASN A 71 22.31 2.50 12.90
C ASN A 71 21.01 1.70 13.02
N GLY A 72 20.64 1.32 14.24
CA GLY A 72 19.35 0.70 14.47
C GLY A 72 19.17 -0.67 13.81
N MET A 73 17.90 -1.02 13.61
CA MET A 73 17.55 -2.30 13.00
C MET A 73 18.14 -2.43 11.60
N VAL A 74 18.25 -1.32 10.87
CA VAL A 74 18.83 -1.37 9.52
C VAL A 74 20.27 -1.87 9.59
N LYS A 75 21.08 -1.28 10.47
CA LYS A 75 22.45 -1.74 10.62
C LYS A 75 22.49 -3.18 11.13
N GLU A 76 21.55 -3.54 12.01
CA GLU A 76 21.53 -4.91 12.50
C GLU A 76 21.33 -5.88 11.35
N LEU A 77 20.53 -5.51 10.36
CA LEU A 77 20.35 -6.36 9.19
C LEU A 77 21.56 -6.33 8.27
N ILE A 78 22.13 -5.15 8.04
CA ILE A 78 23.31 -5.05 7.19
C ILE A 78 24.42 -5.96 7.70
N ASP A 79 24.68 -5.91 9.02
CA ASP A 79 25.74 -6.71 9.62
C ASP A 79 25.35 -8.16 9.83
N HIS A 80 24.15 -8.56 9.45
CA HIS A 80 23.70 -9.94 9.61
C HIS A 80 23.76 -10.40 11.06
N ARG A 81 23.55 -9.46 11.99
CA ARG A 81 23.28 -9.82 13.36
C ARG A 81 21.81 -10.11 13.60
N ALA A 82 20.98 -10.02 12.56
CA ALA A 82 19.58 -10.41 12.63
C ALA A 82 19.14 -10.87 11.25
N ASP A 83 18.18 -11.80 11.22
CA ASP A 83 17.61 -12.30 9.98
C ASP A 83 16.41 -11.47 9.53
N LEU A 84 15.50 -11.18 10.46
CA LEU A 84 14.30 -10.40 10.16
C LEU A 84 14.22 -9.20 11.10
N ALA A 85 13.50 -8.18 10.65
CA ALA A 85 13.19 -7.01 11.46
C ALA A 85 11.68 -6.80 11.38
N VAL A 86 10.96 -7.20 12.42
CA VAL A 86 9.51 -7.08 12.47
C VAL A 86 9.19 -5.86 13.33
N ALA A 87 8.84 -4.76 12.67
CA ALA A 87 8.57 -3.50 13.35
C ALA A 87 7.88 -2.54 12.40
N PRO A 88 7.31 -1.43 12.87
CA PRO A 88 6.79 -0.42 11.94
C PRO A 88 7.90 0.29 11.19
N LEU A 89 8.66 -0.47 10.40
CA LEU A 89 9.83 0.05 9.72
C LEU A 89 9.40 0.59 8.36
N THR A 90 9.39 1.91 8.23
CA THR A 90 8.90 2.54 7.01
C THR A 90 9.82 2.21 5.84
N ILE A 91 9.20 1.83 4.72
CA ILE A 91 9.94 1.54 3.49
C ILE A 91 10.27 2.87 2.83
N THR A 92 11.56 3.18 2.73
CA THR A 92 12.02 4.42 2.14
C THR A 92 13.05 4.13 1.05
N TYR A 93 13.26 5.14 0.21
CA TYR A 93 14.22 5.01 -0.89
C TYR A 93 15.61 4.63 -0.37
N VAL A 94 16.13 5.40 0.60
CA VAL A 94 17.50 5.20 1.04
C VAL A 94 17.65 3.86 1.75
N ARG A 95 16.62 3.44 2.50
CA ARG A 95 16.69 2.16 3.20
C ARG A 95 16.63 0.99 2.23
N GLU A 96 15.74 1.07 1.23
CA GLU A 96 15.58 -0.04 0.30
C GLU A 96 16.87 -0.37 -0.45
N LYS A 97 17.81 0.58 -0.50
CA LYS A 97 19.09 0.35 -1.17
C LYS A 97 20.07 -0.44 -0.33
N VAL A 98 19.86 -0.52 0.98
CA VAL A 98 20.79 -1.20 1.88
C VAL A 98 20.23 -2.47 2.48
N ILE A 99 18.90 -2.65 2.50
CA ILE A 99 18.29 -3.89 2.97
C ILE A 99 17.21 -4.30 1.98
N ASP A 100 16.73 -5.55 2.13
CA ASP A 100 15.69 -6.10 1.28
C ASP A 100 14.39 -6.11 2.06
N PHE A 101 13.49 -5.19 1.71
CA PHE A 101 12.18 -5.14 2.34
C PHE A 101 11.24 -6.16 1.71
N SER A 102 10.40 -6.77 2.54
CA SER A 102 9.25 -7.48 2.01
C SER A 102 8.18 -6.47 1.61
N LYS A 103 7.20 -6.92 0.84
CA LYS A 103 6.11 -6.05 0.48
C LYS A 103 5.39 -5.59 1.74
N PRO A 104 4.74 -4.42 1.71
CA PRO A 104 4.19 -3.86 2.95
C PRO A 104 3.12 -4.74 3.55
N PHE A 105 3.19 -4.94 4.88
CA PHE A 105 2.12 -5.59 5.62
C PHE A 105 1.13 -4.59 6.18
N MET A 106 1.35 -3.30 5.94
CA MET A 106 0.47 -2.25 6.42
C MET A 106 0.78 -0.97 5.66
N THR A 107 -0.19 -0.44 4.93
CA THR A 107 0.00 0.79 4.20
C THR A 107 -0.47 1.97 5.03
N LEU A 108 0.07 3.14 4.70
CA LEU A 108 -0.11 4.32 5.54
C LEU A 108 0.46 5.52 4.80
N GLY A 109 0.51 6.65 5.50
CA GLY A 109 1.09 7.86 4.96
C GLY A 109 1.22 8.90 6.05
N ILE A 110 2.05 9.91 5.77
CA ILE A 110 2.21 11.01 6.71
C ILE A 110 0.94 11.85 6.72
N SER A 111 0.52 12.25 7.92
CA SER A 111 -0.61 13.15 8.10
C SER A 111 -0.36 13.98 9.35
N ILE A 112 -1.39 14.69 9.80
CA ILE A 112 -1.28 15.66 10.88
C ILE A 112 -2.10 15.19 12.07
N LEU A 113 -1.50 15.25 13.26
CA LEU A 113 -2.19 15.02 14.53
C LEU A 113 -2.39 16.38 15.20
N TYR A 114 -3.65 16.70 15.53
CA TYR A 114 -3.95 18.00 16.09
C TYR A 114 -5.21 17.90 16.95
N ARG A 115 -5.52 18.99 17.64
CA ARG A 115 -6.73 19.03 18.46
C ARG A 115 -7.95 19.39 17.60
N LYS A 116 -9.11 18.90 18.03
CA LYS A 116 -10.34 19.05 17.27
C LYS A 116 -10.88 20.47 17.36
N GLY A 117 -11.75 20.81 16.41
CA GLY A 117 -12.48 22.06 16.44
C GLY A 117 -11.63 23.27 16.10
N THR A 118 -10.77 23.16 15.10
CA THR A 118 -9.92 24.24 14.66
C THR A 118 -10.13 24.47 13.18
N PRO A 119 -9.81 25.66 12.67
CA PRO A 119 -9.98 25.93 11.24
C PRO A 119 -8.94 25.24 10.36
N ILE A 120 -7.92 24.60 10.94
CA ILE A 120 -6.89 23.96 10.15
C ILE A 120 -7.45 22.70 9.51
N ASP A 121 -7.34 22.59 8.18
CA ASP A 121 -7.86 21.46 7.44
C ASP A 121 -6.84 20.80 6.54
N SER A 122 -5.63 21.35 6.42
CA SER A 122 -4.62 20.80 5.54
C SER A 122 -3.24 21.20 6.05
N ALA A 123 -2.21 20.62 5.44
CA ALA A 123 -0.85 21.06 5.72
C ALA A 123 -0.62 22.47 5.20
N ASP A 124 -1.32 22.85 4.13
CA ASP A 124 -1.20 24.20 3.59
C ASP A 124 -1.63 25.24 4.62
N ASP A 125 -2.71 24.97 5.36
CA ASP A 125 -3.15 25.89 6.39
C ASP A 125 -2.10 26.06 7.49
N LEU A 126 -1.25 25.04 7.71
CA LEU A 126 -0.16 25.18 8.66
C LEU A 126 1.00 25.99 8.08
N ALA A 127 1.36 25.72 6.83
CA ALA A 127 2.45 26.48 6.22
C ALA A 127 2.08 27.96 6.06
N LYS A 128 0.79 28.29 6.05
CA LYS A 128 0.36 29.69 5.86
C LYS A 128 0.60 30.52 7.10
N GLN A 129 0.58 29.90 8.28
CA GLN A 129 0.61 30.62 9.55
C GLN A 129 1.84 30.23 10.37
N THR A 130 2.03 30.95 11.48
CA THR A 130 3.12 30.69 12.41
C THR A 130 2.70 30.68 13.87
N LYS A 131 1.46 31.05 14.20
CA LYS A 131 1.03 31.01 15.59
C LYS A 131 0.98 29.58 16.13
N ILE A 132 0.52 28.63 15.30
CA ILE A 132 0.46 27.22 15.67
C ILE A 132 1.78 26.59 15.27
N GLU A 133 2.57 26.18 16.26
CA GLU A 133 3.84 25.51 16.00
C GLU A 133 3.57 24.06 15.59
N TYR A 134 4.44 23.55 14.72
CA TYR A 134 4.28 22.20 14.19
C TYR A 134 5.66 21.61 13.91
N GLY A 135 5.73 20.29 13.94
CA GLY A 135 6.98 19.60 13.73
C GLY A 135 6.80 18.10 13.63
N ALA A 136 7.87 17.37 13.90
CA ALA A 136 7.86 15.91 13.76
C ALA A 136 8.91 15.31 14.69
N VAL A 137 8.97 13.98 14.69
CA VAL A 137 9.98 13.29 15.47
C VAL A 137 11.34 13.48 14.82
N ARG A 138 12.35 13.70 15.64
CA ARG A 138 13.68 13.98 15.13
C ARG A 138 14.27 12.74 14.47
N ASP A 139 14.88 12.95 13.30
CA ASP A 139 15.63 11.92 12.59
C ASP A 139 14.78 10.71 12.23
N GLY A 140 13.46 10.90 12.17
CA GLY A 140 12.57 9.88 11.68
C GLY A 140 12.29 10.06 10.20
N SER A 141 11.71 9.01 9.60
CA SER A 141 11.40 9.07 8.17
C SER A 141 10.47 10.24 7.86
N THR A 142 9.53 10.52 8.76
CA THR A 142 8.63 11.66 8.55
C THR A 142 9.42 12.95 8.40
N MET A 143 10.35 13.21 9.32
CA MET A 143 11.16 14.42 9.22
C MET A 143 11.97 14.43 7.94
N THR A 144 12.63 13.31 7.63
CA THR A 144 13.45 13.23 6.42
C THR A 144 12.64 13.53 5.17
N PHE A 145 11.35 13.18 5.17
CA PHE A 145 10.49 13.55 4.05
C PHE A 145 10.53 15.05 3.81
N PHE A 146 10.26 15.84 4.86
CA PHE A 146 10.28 17.30 4.72
C PHE A 146 11.69 17.83 4.45
N LYS A 147 12.71 17.19 5.03
CA LYS A 147 14.08 17.66 4.82
C LYS A 147 14.51 17.50 3.36
N LYS A 148 14.05 16.44 2.70
CA LYS A 148 14.43 16.19 1.31
C LYS A 148 13.38 16.64 0.30
N SER A 149 12.19 17.05 0.75
CA SER A 149 11.14 17.40 -0.18
C SER A 149 11.47 18.67 -0.95
N LYS A 150 11.14 18.67 -2.24
CA LYS A 150 11.33 19.82 -3.11
C LYS A 150 10.01 20.53 -3.42
N ILE A 151 8.91 20.13 -2.77
CA ILE A 151 7.64 20.84 -2.89
C ILE A 151 7.69 22.13 -2.10
N SER A 152 7.08 23.19 -2.64
CA SER A 152 7.16 24.50 -2.00
C SER A 152 6.63 24.46 -0.57
N THR A 153 5.40 23.94 -0.40
CA THR A 153 4.77 23.94 0.92
C THR A 153 5.62 23.18 1.93
N TYR A 154 6.09 21.98 1.57
CA TYR A 154 6.85 21.15 2.50
C TYR A 154 8.25 21.71 2.73
N GLU A 155 8.80 22.44 1.76
CA GLU A 155 10.04 23.15 1.98
C GLU A 155 9.86 24.24 3.03
N LYS A 156 8.79 25.02 2.91
CA LYS A 156 8.50 26.04 3.90
C LYS A 156 8.31 25.41 5.28
N MET A 157 7.53 24.33 5.33
CA MET A 157 7.33 23.63 6.60
C MET A 157 8.66 23.15 7.17
N TRP A 158 9.54 22.61 6.33
CA TRP A 158 10.83 22.15 6.83
C TRP A 158 11.63 23.29 7.42
N ALA A 159 11.67 24.44 6.72
CA ALA A 159 12.34 25.62 7.27
C ALA A 159 11.80 25.94 8.65
N PHE A 160 10.47 25.93 8.79
CA PHE A 160 9.86 26.23 10.07
C PHE A 160 10.32 25.24 11.14
N MET A 161 10.34 23.95 10.81
CA MET A 161 10.73 22.93 11.80
C MET A 161 12.18 23.09 12.21
N SER A 162 13.04 23.43 11.26
CA SER A 162 14.47 23.52 11.52
C SER A 162 14.84 24.77 12.30
N SER A 163 14.12 25.87 12.09
CA SER A 163 14.44 27.13 12.75
C SER A 163 14.54 26.95 14.26
N ARG A 164 15.31 27.84 14.89
CA ARG A 164 15.46 27.88 16.35
C ARG A 164 16.09 26.58 16.89
N GLN A 165 17.15 26.14 16.21
CA GLN A 165 17.88 24.94 16.61
C GLN A 165 16.94 23.74 16.71
N GLN A 166 16.00 23.65 15.77
CA GLN A 166 15.07 22.52 15.71
C GLN A 166 14.19 22.44 16.95
N SER A 167 13.69 23.60 17.40
CA SER A 167 12.86 23.66 18.59
C SER A 167 11.48 23.02 18.39
N ALA A 168 11.03 22.91 17.14
CA ALA A 168 9.73 22.32 16.83
C ALA A 168 9.75 20.80 16.74
N LEU A 169 10.92 20.17 16.77
CA LEU A 169 11.02 18.73 16.68
C LEU A 169 10.90 18.10 18.06
N VAL A 170 10.37 16.88 18.10
CA VAL A 170 10.20 16.14 19.33
C VAL A 170 11.14 14.93 19.31
N LYS A 171 11.46 14.45 20.51
CA LYS A 171 12.39 13.32 20.64
C LYS A 171 11.74 12.04 20.14
N ASN A 172 10.53 11.76 20.60
CA ASN A 172 9.82 10.52 20.30
C ASN A 172 8.34 10.84 20.13
N SER A 173 7.58 9.80 19.77
CA SER A 173 6.16 10.01 19.52
C SER A 173 5.41 10.39 20.79
N ASP A 174 5.70 9.71 21.91
CA ASP A 174 4.97 9.99 23.15
C ASP A 174 5.11 11.45 23.55
N GLU A 175 6.33 11.96 23.57
CA GLU A 175 6.56 13.35 23.93
C GLU A 175 5.80 14.30 23.02
N GLY A 176 5.76 13.99 21.71
CA GLY A 176 5.02 14.81 20.78
C GLY A 176 3.52 14.80 21.05
N ILE A 177 2.97 13.62 21.38
CA ILE A 177 1.55 13.52 21.72
C ILE A 177 1.24 14.36 22.95
N GLN A 178 2.07 14.24 23.99
CA GLN A 178 1.87 15.07 25.16
C GLN A 178 1.94 16.54 24.80
N ARG A 179 2.81 16.89 23.85
CA ARG A 179 2.92 18.27 23.42
C ARG A 179 1.66 18.75 22.70
N VAL A 180 0.99 17.87 21.97
CA VAL A 180 -0.28 18.24 21.35
C VAL A 180 -1.38 18.37 22.40
N LEU A 181 -1.35 17.50 23.42
CA LEU A 181 -2.40 17.50 24.44
C LEU A 181 -2.27 18.65 25.42
N THR A 182 -1.08 19.27 25.52
CA THR A 182 -0.89 20.34 26.49
C THR A 182 -0.82 21.72 25.88
N THR A 183 -0.30 21.86 24.66
CA THR A 183 -0.06 23.16 24.07
C THR A 183 -0.79 23.27 22.73
N ASP A 184 -0.49 24.32 21.99
CA ASP A 184 -1.07 24.55 20.67
C ASP A 184 -0.04 24.05 19.65
N TYR A 185 0.04 22.72 19.52
CA TYR A 185 1.05 22.06 18.73
C TYR A 185 0.40 21.00 17.85
N ALA A 186 0.87 20.90 16.61
CA ALA A 186 0.44 19.88 15.67
C ALA A 186 1.62 19.01 15.31
N LEU A 187 1.42 17.69 15.35
CA LEU A 187 2.50 16.73 15.17
C LEU A 187 2.32 16.02 13.82
N LEU A 188 3.27 16.23 12.92
CA LEU A 188 3.31 15.45 11.69
C LEU A 188 3.74 14.03 12.03
N MET A 189 2.88 13.07 11.67
CA MET A 189 2.99 11.72 12.20
C MET A 189 2.50 10.75 11.14
N GLU A 190 2.87 9.48 11.28
CA GLU A 190 2.37 8.48 10.37
C GLU A 190 0.94 8.10 10.73
N SER A 191 0.15 7.81 9.70
CA SER A 191 -1.30 7.74 9.87
C SER A 191 -1.71 6.64 10.85
N THR A 192 -1.01 5.50 10.84
CA THR A 192 -1.36 4.39 11.72
C THR A 192 -1.26 4.79 13.19
N SER A 193 -0.16 5.42 13.57
CA SER A 193 -0.03 5.92 14.93
C SER A 193 -1.12 6.93 15.26
N ILE A 194 -1.47 7.79 14.29
CA ILE A 194 -2.54 8.77 14.52
C ILE A 194 -3.85 8.07 14.82
N GLU A 195 -4.18 7.03 14.06
CA GLU A 195 -5.36 6.23 14.37
C GLU A 195 -5.28 5.67 15.78
N TYR A 196 -4.08 5.22 16.19
CA TYR A 196 -3.92 4.67 17.53
C TYR A 196 -4.20 5.73 18.59
N VAL A 197 -3.80 6.98 18.33
CA VAL A 197 -3.94 8.04 19.33
C VAL A 197 -5.38 8.52 19.38
N THR A 198 -5.99 8.78 18.23
CA THR A 198 -7.32 9.35 18.16
C THR A 198 -8.39 8.41 18.72
N GLN A 199 -8.08 7.11 18.80
CA GLN A 199 -8.99 6.15 19.44
C GLN A 199 -8.88 6.17 20.95
N ARG A 200 -7.87 6.86 21.49
CA ARG A 200 -7.62 6.91 22.92
C ARG A 200 -7.59 8.32 23.48
N ASN A 201 -7.60 9.33 22.61
CA ASN A 201 -7.72 10.73 23.03
C ASN A 201 -8.76 11.38 22.12
N CYS A 202 -9.96 11.60 22.67
CA CYS A 202 -11.10 12.06 21.89
C CYS A 202 -11.06 13.54 21.57
N ASN A 203 -10.19 14.31 22.23
CA ASN A 203 -9.98 15.70 21.87
C ASN A 203 -9.10 15.87 20.64
N LEU A 204 -8.48 14.79 20.15
CA LEU A 204 -7.54 14.85 19.04
C LEU A 204 -8.14 14.21 17.80
N THR A 205 -7.58 14.59 16.66
CA THR A 205 -8.03 14.07 15.38
C THR A 205 -6.92 14.25 14.36
N GLN A 206 -7.14 13.61 13.21
CA GLN A 206 -6.25 13.74 12.07
C GLN A 206 -6.73 14.90 11.21
N ILE A 207 -5.78 15.75 10.79
CA ILE A 207 -6.07 16.91 9.96
C ILE A 207 -5.59 16.63 8.55
N GLY A 208 -6.47 16.88 7.57
CA GLY A 208 -6.15 16.58 6.20
C GLY A 208 -6.10 15.09 5.96
N GLY A 209 -5.67 14.74 4.75
CA GLY A 209 -5.47 13.38 4.36
C GLY A 209 -4.03 12.96 4.52
N LEU A 210 -3.59 12.04 3.66
CA LEU A 210 -2.21 11.57 3.66
C LEU A 210 -1.41 12.40 2.67
N ILE A 211 -0.29 12.96 3.13
CA ILE A 211 0.55 13.76 2.23
C ILE A 211 1.46 12.88 1.39
N ASP A 212 1.62 11.61 1.73
CA ASP A 212 2.37 10.67 0.90
C ASP A 212 1.89 9.26 1.23
N SER A 213 2.38 8.29 0.47
CA SER A 213 1.98 6.89 0.61
C SER A 213 3.22 6.04 0.85
N LYS A 214 3.16 5.19 1.86
CA LYS A 214 4.27 4.32 2.21
C LYS A 214 3.71 3.12 2.95
N GLY A 215 4.60 2.21 3.32
CA GLY A 215 4.16 1.03 4.05
C GLY A 215 5.24 0.55 5.00
N TYR A 216 4.80 -0.22 5.99
CA TYR A 216 5.70 -0.96 6.87
C TYR A 216 6.02 -2.30 6.23
N GLY A 217 7.30 -2.66 6.19
CA GLY A 217 7.71 -3.94 5.65
C GLY A 217 8.65 -4.66 6.59
N VAL A 218 8.62 -5.99 6.51
CA VAL A 218 9.58 -6.80 7.25
C VAL A 218 10.94 -6.66 6.59
N GLY A 219 11.95 -6.28 7.37
CA GLY A 219 13.27 -6.05 6.84
C GLY A 219 14.13 -7.30 6.91
N THR A 220 14.89 -7.54 5.84
CA THR A 220 15.84 -8.62 5.78
C THR A 220 17.11 -8.11 5.10
N PRO A 221 18.24 -8.78 5.32
CA PRO A 221 19.47 -8.36 4.61
C PRO A 221 19.34 -8.59 3.12
N ILE A 222 20.11 -7.81 2.36
CA ILE A 222 20.09 -7.94 0.91
C ILE A 222 20.45 -9.36 0.53
N GLY A 223 19.65 -9.95 -0.34
CA GLY A 223 19.86 -11.32 -0.76
C GLY A 223 19.29 -12.36 0.18
N SER A 224 18.48 -11.95 1.13
CA SER A 224 17.95 -12.89 2.10
C SER A 224 16.98 -13.85 1.42
N PRO A 225 17.15 -15.16 1.57
CA PRO A 225 16.18 -16.10 0.99
C PRO A 225 14.80 -16.05 1.64
N TYR A 226 14.64 -15.36 2.76
CA TYR A 226 13.36 -15.29 3.45
C TYR A 226 12.49 -14.14 2.98
N ARG A 227 13.04 -13.18 2.24
CA ARG A 227 12.26 -12.01 1.85
C ARG A 227 11.05 -12.41 1.00
N ASP A 228 11.27 -13.20 -0.05
CA ASP A 228 10.17 -13.53 -0.95
C ASP A 228 9.12 -14.39 -0.26
N LYS A 229 9.55 -15.37 0.54
CA LYS A 229 8.58 -16.21 1.24
C LYS A 229 7.78 -15.38 2.24
N ILE A 230 8.39 -14.38 2.87
CA ILE A 230 7.65 -13.54 3.80
C ILE A 230 6.68 -12.63 3.06
N THR A 231 7.08 -12.14 1.88
CA THR A 231 6.12 -11.40 1.05
C THR A 231 4.91 -12.27 0.76
N ILE A 232 5.13 -13.49 0.29
CA ILE A 232 4.03 -14.39 -0.05
C ILE A 232 3.16 -14.65 1.18
N ALA A 233 3.78 -14.87 2.34
CA ALA A 233 3.00 -15.10 3.54
C ALA A 233 2.16 -13.88 3.88
N ILE A 234 2.72 -12.68 3.72
CA ILE A 234 1.97 -11.46 4.03
C ILE A 234 0.78 -11.31 3.09
N LEU A 235 0.97 -11.59 1.80
CA LEU A 235 -0.15 -11.51 0.87
C LEU A 235 -1.23 -12.52 1.23
N GLN A 236 -0.82 -13.75 1.57
CA GLN A 236 -1.77 -14.75 2.03
C GLN A 236 -2.55 -14.27 3.25
N LEU A 237 -1.86 -13.62 4.19
CA LEU A 237 -2.52 -13.12 5.39
C LEU A 237 -3.45 -11.95 5.10
N GLN A 238 -3.13 -11.14 4.09
CA GLN A 238 -4.00 -10.02 3.75
C GLN A 238 -5.28 -10.51 3.07
N GLU A 239 -5.17 -11.50 2.19
CA GLU A 239 -6.36 -11.97 1.48
C GLU A 239 -7.30 -12.76 2.39
N GLU A 240 -6.76 -13.43 3.41
CA GLU A 240 -7.59 -14.10 4.41
C GLU A 240 -8.19 -13.15 5.42
N GLY A 241 -7.76 -11.89 5.43
CA GLY A 241 -8.24 -10.95 6.43
C GLY A 241 -7.59 -11.06 7.78
N LYS A 242 -6.42 -11.71 7.87
CA LYS A 242 -5.74 -11.85 9.15
C LYS A 242 -5.12 -10.52 9.58
N LEU A 243 -4.44 -9.83 8.66
CA LEU A 243 -3.84 -8.55 9.00
C LEU A 243 -4.89 -7.55 9.46
N HIS A 244 -6.02 -7.51 8.77
CA HIS A 244 -7.11 -6.63 9.18
C HIS A 244 -7.56 -6.96 10.59
N MET A 245 -7.70 -8.25 10.91
CA MET A 245 -8.13 -8.65 12.24
C MET A 245 -7.10 -8.29 13.31
N MET A 246 -5.81 -8.40 12.98
CA MET A 246 -4.77 -8.05 13.94
C MET A 246 -4.77 -6.54 14.22
N LYS A 247 -4.82 -5.74 13.15
CA LYS A 247 -4.88 -4.29 13.34
C LYS A 247 -6.10 -3.90 14.14
N GLU A 248 -7.25 -4.47 13.80
CA GLU A 248 -8.47 -4.19 14.56
C GLU A 248 -8.29 -4.58 16.03
N LYS A 249 -7.59 -5.70 16.27
CA LYS A 249 -7.39 -6.17 17.64
C LYS A 249 -6.60 -5.16 18.46
N TRP A 250 -5.50 -4.65 17.91
CA TRP A 250 -4.61 -3.82 18.71
C TRP A 250 -4.88 -2.32 18.60
N TRP A 251 -5.71 -1.88 17.66
CA TRP A 251 -5.95 -0.45 17.46
C TRP A 251 -7.24 0.04 18.10
N ARG A 252 -8.34 -0.68 17.96
CA ARG A 252 -9.57 -0.24 18.61
C ARG A 252 -9.38 -0.29 20.12
N GLY A 253 -9.41 0.87 20.76
CA GLY A 253 -9.26 0.94 22.21
C GLY A 253 -10.48 1.59 22.82
N ASN A 254 -11.56 0.83 22.94
CA ASN A 254 -12.85 1.39 23.32
C ASN A 254 -13.25 2.42 22.27
N GLY A 255 -14.19 3.29 22.59
CA GLY A 255 -14.70 4.26 21.64
C GLY A 255 -14.81 5.64 22.24
N CYS A 256 -14.66 6.63 21.38
CA CYS A 256 -14.82 8.03 21.78
C CYS A 256 -16.27 8.45 21.60
N PRO A 257 -16.98 8.85 22.67
CA PRO A 257 -18.37 9.27 22.48
C PRO A 257 -18.49 10.73 22.04
N ARG B 4 19.70 -4.58 -24.57
CA ARG B 4 19.67 -3.45 -23.65
C ARG B 4 18.35 -2.70 -23.78
N THR B 5 17.55 -3.06 -24.78
CA THR B 5 16.20 -2.57 -24.92
C THR B 5 15.24 -3.59 -24.31
N LEU B 6 14.52 -3.18 -23.28
CA LEU B 6 13.61 -4.09 -22.60
C LEU B 6 12.29 -4.19 -23.36
N ILE B 7 11.69 -5.38 -23.30
CA ILE B 7 10.37 -5.63 -23.85
C ILE B 7 9.38 -5.49 -22.71
N VAL B 8 8.41 -4.59 -22.86
CA VAL B 8 7.44 -4.29 -21.82
C VAL B 8 6.07 -4.76 -22.30
N THR B 9 5.55 -5.81 -21.68
CA THR B 9 4.18 -6.26 -21.95
C THR B 9 3.19 -5.37 -21.19
N THR B 10 2.04 -5.12 -21.80
CA THR B 10 1.01 -4.31 -21.17
C THR B 10 -0.34 -4.66 -21.81
N ILE B 11 -1.37 -3.92 -21.41
CA ILE B 11 -2.75 -4.20 -21.80
C ILE B 11 -3.51 -2.89 -21.85
N LEU B 12 -4.52 -2.84 -22.73
CA LEU B 12 -5.33 -1.63 -22.88
C LEU B 12 -6.34 -1.52 -21.75
N GLU B 13 -6.27 -0.43 -20.98
CA GLU B 13 -7.18 -0.19 -19.89
C GLU B 13 -7.10 1.29 -19.54
N GLU B 14 -8.24 1.95 -19.45
CA GLU B 14 -8.28 3.37 -19.11
C GLU B 14 -8.08 3.60 -17.61
N PRO B 15 -7.30 4.62 -17.24
CA PRO B 15 -6.45 5.52 -18.02
C PRO B 15 -4.99 5.08 -18.00
N TYR B 16 -4.76 3.79 -17.81
CA TYR B 16 -3.40 3.28 -17.67
C TYR B 16 -2.70 3.21 -19.02
N VAL B 17 -3.32 2.57 -20.00
CA VAL B 17 -2.74 2.44 -21.34
C VAL B 17 -3.86 2.56 -22.36
N MET B 18 -3.68 3.46 -23.33
CA MET B 18 -4.72 3.75 -24.30
C MET B 18 -4.09 4.12 -25.64
N TYR B 19 -4.78 3.79 -26.72
CA TYR B 19 -4.36 4.22 -28.04
C TYR B 19 -4.52 5.73 -28.14
N ARG B 20 -3.49 6.41 -28.66
CA ARG B 20 -3.63 7.83 -28.92
C ARG B 20 -4.63 8.06 -30.05
N LYS B 21 -5.45 9.08 -29.90
CA LYS B 21 -6.32 9.51 -30.99
C LYS B 21 -5.48 10.32 -31.96
N SER B 22 -5.33 9.82 -33.19
CA SER B 22 -4.43 10.42 -34.15
C SER B 22 -5.05 10.39 -35.54
N ASP B 23 -4.84 11.47 -36.28
CA ASP B 23 -5.27 11.59 -37.66
C ASP B 23 -4.38 10.84 -38.63
N LYS B 24 -3.24 10.32 -38.18
CA LYS B 24 -2.32 9.57 -39.01
C LYS B 24 -1.95 8.28 -38.30
N PRO B 25 -1.44 7.28 -39.02
CA PRO B 25 -1.01 6.06 -38.35
C PRO B 25 0.20 6.30 -37.46
N LEU B 26 0.18 5.67 -36.30
CA LEU B 26 1.25 5.76 -35.30
C LEU B 26 2.01 4.44 -35.21
N TYR B 27 3.24 4.52 -34.72
CA TYR B 27 4.11 3.37 -34.61
C TYR B 27 4.84 3.37 -33.28
N GLY B 28 5.16 2.19 -32.78
CA GLY B 28 5.96 2.03 -31.59
C GLY B 28 5.29 2.59 -30.34
N ASN B 29 6.13 2.97 -29.37
CA ASN B 29 5.63 3.53 -28.13
C ASN B 29 4.79 4.77 -28.36
N ASP B 30 4.96 5.44 -29.51
CA ASP B 30 4.16 6.61 -29.80
C ASP B 30 2.69 6.30 -29.99
N ARG B 31 2.32 5.02 -30.07
CA ARG B 31 0.91 4.65 -30.24
C ARG B 31 0.09 4.81 -28.97
N PHE B 32 0.73 4.80 -27.80
CA PHE B 32 0.03 4.69 -26.54
C PHE B 32 0.25 5.94 -25.69
N GLU B 33 -0.69 6.15 -24.76
CA GLU B 33 -0.58 7.20 -23.76
C GLU B 33 -1.34 6.74 -22.52
N GLY B 34 -1.01 7.36 -21.39
CA GLY B 34 -1.69 7.04 -20.15
C GLY B 34 -0.79 6.98 -18.93
N TYR B 35 -1.35 6.65 -17.78
CA TYR B 35 -0.58 6.61 -16.55
C TYR B 35 0.65 5.72 -16.70
N CYS B 36 0.46 4.53 -17.27
CA CYS B 36 1.54 3.55 -17.32
C CYS B 36 2.64 3.97 -18.27
N LEU B 37 2.32 4.74 -19.32
CA LEU B 37 3.37 5.23 -20.20
C LEU B 37 4.20 6.33 -19.53
N ASP B 38 3.54 7.25 -18.83
CA ASP B 38 4.28 8.22 -18.03
C ASP B 38 5.17 7.52 -17.00
N LEU B 39 4.60 6.52 -16.31
CA LEU B 39 5.39 5.77 -15.34
C LEU B 39 6.61 5.14 -15.99
N LEU B 40 6.41 4.46 -17.13
CA LEU B 40 7.53 3.83 -17.82
C LEU B 40 8.56 4.87 -18.21
N LYS B 41 8.10 6.06 -18.59
CA LYS B 41 9.03 7.13 -18.96
C LYS B 41 9.87 7.56 -17.77
N GLU B 42 9.24 7.73 -16.60
CA GLU B 42 9.98 8.12 -15.40
C GLU B 42 10.96 7.03 -14.98
N LEU B 43 10.52 5.77 -15.03
CA LEU B 43 11.39 4.67 -14.66
C LEU B 43 12.58 4.56 -15.59
N SER B 44 12.36 4.70 -16.90
CA SER B 44 13.47 4.68 -17.83
C SER B 44 14.40 5.88 -17.61
N ASN B 45 13.84 7.04 -17.24
CA ASN B 45 14.69 8.19 -16.95
C ASN B 45 15.57 7.93 -15.73
N ILE B 46 15.06 7.19 -14.73
CA ILE B 46 15.82 6.96 -13.52
C ILE B 46 16.86 5.86 -13.73
N LEU B 47 16.46 4.75 -14.33
CA LEU B 47 17.34 3.60 -14.46
C LEU B 47 18.16 3.61 -15.74
N GLY B 48 17.78 4.40 -16.73
CA GLY B 48 18.55 4.53 -17.95
C GLY B 48 18.48 3.32 -18.85
N PHE B 49 17.27 2.87 -19.18
CA PHE B 49 17.07 1.75 -20.09
C PHE B 49 16.09 2.14 -21.18
N LEU B 50 16.21 1.48 -22.33
CA LEU B 50 15.30 1.64 -23.44
C LEU B 50 14.25 0.56 -23.40
N TYR B 51 13.03 0.89 -23.82
CA TYR B 51 11.92 -0.03 -23.74
C TYR B 51 11.13 -0.06 -25.05
N ASP B 52 10.49 -1.20 -25.29
CA ASP B 52 9.66 -1.44 -26.46
C ASP B 52 8.35 -1.99 -25.95
N VAL B 53 7.26 -1.24 -26.12
CA VAL B 53 5.97 -1.60 -25.54
C VAL B 53 5.25 -2.54 -26.51
N LYS B 54 4.87 -3.71 -26.01
CA LYS B 54 4.16 -4.74 -26.76
C LYS B 54 2.89 -5.10 -26.02
N LEU B 55 1.75 -5.04 -26.70
CA LEU B 55 0.49 -5.44 -26.09
C LEU B 55 0.44 -6.95 -25.93
N VAL B 56 0.00 -7.41 -24.76
CA VAL B 56 -0.08 -8.85 -24.49
C VAL B 56 -1.00 -9.49 -25.54
N PRO B 57 -0.56 -10.54 -26.25
CA PRO B 57 -1.37 -11.03 -27.38
C PRO B 57 -2.79 -11.44 -27.02
N ASP B 58 -2.99 -12.25 -25.97
CA ASP B 58 -4.32 -12.70 -25.61
C ASP B 58 -5.16 -11.63 -24.92
N GLY B 59 -4.61 -10.45 -24.67
CA GLY B 59 -5.35 -9.36 -24.05
C GLY B 59 -5.86 -9.64 -22.64
N LYS B 60 -5.08 -10.37 -21.84
CA LYS B 60 -5.49 -10.71 -20.48
C LYS B 60 -4.38 -10.36 -19.50
N TYR B 61 -4.77 -10.20 -18.23
CA TYR B 61 -3.81 -9.88 -17.18
C TYR B 61 -3.05 -11.12 -16.73
N GLY B 62 -3.76 -12.13 -16.22
CA GLY B 62 -3.11 -13.37 -15.83
C GLY B 62 -3.87 -14.16 -14.78
N ALA B 63 -4.30 -15.37 -15.13
CA ALA B 63 -5.02 -16.22 -14.21
C ALA B 63 -4.70 -17.69 -14.50
N GLN B 64 -5.07 -18.55 -13.56
CA GLN B 64 -4.87 -19.99 -13.70
C GLN B 64 -6.18 -20.66 -14.10
N ASN B 65 -6.06 -21.73 -14.86
CA ASN B 65 -7.21 -22.54 -15.20
C ASN B 65 -7.27 -23.70 -14.22
N ASP B 66 -8.17 -24.65 -14.49
CA ASP B 66 -8.25 -25.83 -13.63
C ASP B 66 -6.95 -26.63 -13.67
N LYS B 67 -6.28 -26.65 -14.83
CA LYS B 67 -5.05 -27.42 -15.00
C LYS B 67 -3.82 -26.72 -14.41
N GLY B 68 -3.94 -25.47 -14.00
CA GLY B 68 -2.81 -24.75 -13.42
C GLY B 68 -1.96 -23.97 -14.40
N GLU B 69 -2.42 -23.78 -15.63
CA GLU B 69 -1.67 -23.05 -16.64
C GLU B 69 -2.05 -21.58 -16.59
N TRP B 70 -1.06 -20.72 -16.86
CA TRP B 70 -1.25 -19.28 -16.80
C TRP B 70 -1.43 -18.69 -18.19
N ASN B 71 -2.00 -17.48 -18.24
CA ASN B 71 -2.14 -16.74 -19.48
C ASN B 71 -1.77 -15.28 -19.22
N GLY B 72 -1.96 -14.44 -20.23
CA GLY B 72 -1.79 -13.01 -20.08
C GLY B 72 -0.36 -12.56 -19.83
N MET B 73 -0.25 -11.35 -19.27
CA MET B 73 1.06 -10.78 -18.99
C MET B 73 1.86 -11.65 -18.04
N VAL B 74 1.20 -12.31 -17.10
CA VAL B 74 1.91 -13.20 -16.17
C VAL B 74 2.62 -14.30 -16.95
N LYS B 75 1.91 -14.98 -17.85
CA LYS B 75 2.53 -16.00 -18.68
C LYS B 75 3.62 -15.42 -19.56
N GLU B 76 3.42 -14.20 -20.06
CA GLU B 76 4.45 -13.56 -20.87
C GLU B 76 5.74 -13.38 -20.07
N LEU B 77 5.62 -13.09 -18.78
CA LEU B 77 6.81 -12.96 -17.95
C LEU B 77 7.41 -14.33 -17.62
N ILE B 78 6.57 -15.31 -17.28
CA ILE B 78 7.07 -16.64 -16.97
C ILE B 78 7.91 -17.16 -18.15
N ASP B 79 7.40 -17.00 -19.36
CA ASP B 79 8.08 -17.48 -20.56
C ASP B 79 9.19 -16.56 -21.04
N HIS B 80 9.48 -15.49 -20.32
CA HIS B 80 10.58 -14.58 -20.67
C HIS B 80 10.39 -13.96 -22.05
N ARG B 81 9.15 -13.79 -22.47
CA ARG B 81 8.84 -13.03 -23.67
C ARG B 81 8.71 -11.54 -23.41
N ALA B 82 8.81 -11.13 -22.15
CA ALA B 82 8.83 -9.73 -21.78
C ALA B 82 9.71 -9.57 -20.55
N ASP B 83 10.32 -8.39 -20.42
CA ASP B 83 11.14 -8.08 -19.26
C ASP B 83 10.30 -7.50 -18.12
N LEU B 84 9.43 -6.55 -18.45
CA LEU B 84 8.58 -5.87 -17.48
C LEU B 84 7.13 -5.97 -17.92
N ALA B 85 6.23 -5.82 -16.94
CA ALA B 85 4.79 -5.70 -17.20
C ALA B 85 4.32 -4.44 -16.47
N VAL B 86 4.14 -3.36 -17.21
CA VAL B 86 3.72 -2.08 -16.67
C VAL B 86 2.24 -1.96 -16.98
N ALA B 87 1.41 -2.20 -15.97
CA ALA B 87 -0.03 -2.22 -16.14
C ALA B 87 -0.67 -2.20 -14.75
N PRO B 88 -1.98 -1.97 -14.64
CA PRO B 88 -2.63 -2.12 -13.34
C PRO B 88 -2.68 -3.59 -12.92
N LEU B 89 -1.52 -4.21 -12.74
CA LEU B 89 -1.43 -5.64 -12.46
C LEU B 89 -1.46 -5.85 -10.96
N THR B 90 -2.60 -6.34 -10.46
CA THR B 90 -2.80 -6.47 -9.03
C THR B 90 -1.85 -7.50 -8.44
N ILE B 91 -1.21 -7.13 -7.33
CA ILE B 91 -0.31 -8.03 -6.62
C ILE B 91 -1.18 -8.98 -5.80
N THR B 92 -1.14 -10.26 -6.14
CA THR B 92 -1.93 -11.28 -5.44
C THR B 92 -1.01 -12.41 -5.00
N TYR B 93 -1.53 -13.22 -4.07
CA TYR B 93 -0.78 -14.35 -3.54
C TYR B 93 -0.38 -15.31 -4.65
N VAL B 94 -1.34 -15.72 -5.49
CA VAL B 94 -1.07 -16.75 -6.49
C VAL B 94 -0.09 -16.24 -7.55
N ARG B 95 -0.21 -14.96 -7.92
CA ARG B 95 0.68 -14.42 -8.94
C ARG B 95 2.10 -14.29 -8.42
N GLU B 96 2.26 -13.79 -7.19
CA GLU B 96 3.59 -13.56 -6.64
C GLU B 96 4.43 -14.82 -6.58
N LYS B 97 3.80 -16.00 -6.60
CA LYS B 97 4.55 -17.25 -6.54
C LYS B 97 5.15 -17.63 -7.88
N VAL B 98 4.68 -17.05 -8.98
CA VAL B 98 5.17 -17.39 -10.31
C VAL B 98 5.95 -16.26 -10.96
N ILE B 99 5.78 -15.01 -10.52
CA ILE B 99 6.57 -13.89 -11.02
C ILE B 99 7.07 -13.08 -9.84
N ASP B 100 7.99 -12.15 -10.12
CA ASP B 100 8.57 -11.27 -9.12
C ASP B 100 7.98 -9.87 -9.30
N PHE B 101 7.10 -9.47 -8.38
CA PHE B 101 6.51 -8.14 -8.40
C PHE B 101 7.45 -7.12 -7.77
N SER B 102 7.44 -5.91 -8.31
CA SER B 102 8.01 -4.77 -7.60
C SER B 102 7.05 -4.32 -6.51
N LYS B 103 7.57 -3.50 -5.61
CA LYS B 103 6.70 -2.92 -4.59
C LYS B 103 5.63 -2.08 -5.28
N PRO B 104 4.47 -1.91 -4.65
CA PRO B 104 3.35 -1.27 -5.36
C PRO B 104 3.65 0.18 -5.72
N PHE B 105 3.30 0.54 -6.96
CA PHE B 105 3.31 1.93 -7.38
C PHE B 105 1.95 2.60 -7.21
N MET B 106 0.96 1.87 -6.69
CA MET B 106 -0.37 2.41 -6.44
C MET B 106 -1.13 1.45 -5.55
N THR B 107 -1.57 1.92 -4.39
CA THR B 107 -2.33 1.11 -3.45
C THR B 107 -3.82 1.32 -3.66
N LEU B 108 -4.60 0.33 -3.27
CA LEU B 108 -6.02 0.28 -3.63
C LEU B 108 -6.70 -0.86 -2.87
N GLY B 109 -7.96 -1.09 -3.19
CA GLY B 109 -8.72 -2.17 -2.61
C GLY B 109 -10.04 -2.36 -3.34
N ILE B 110 -10.65 -3.53 -3.14
CA ILE B 110 -11.94 -3.81 -3.71
C ILE B 110 -13.01 -3.00 -3.00
N SER B 111 -13.95 -2.45 -3.78
CA SER B 111 -15.12 -1.77 -3.25
C SER B 111 -16.29 -1.97 -4.22
N ILE B 112 -17.37 -1.24 -3.99
CA ILE B 112 -18.64 -1.45 -4.70
C ILE B 112 -18.92 -0.23 -5.57
N LEU B 113 -19.24 -0.50 -6.84
CA LEU B 113 -19.70 0.53 -7.77
C LEU B 113 -21.21 0.40 -7.96
N TYR B 114 -21.93 1.49 -7.72
CA TYR B 114 -23.39 1.40 -7.76
C TYR B 114 -23.94 2.77 -8.15
N ARG B 115 -25.25 2.83 -8.36
CA ARG B 115 -25.88 4.08 -8.70
C ARG B 115 -26.21 4.86 -7.42
N LYS B 116 -26.31 6.18 -7.57
CA LYS B 116 -26.50 7.07 -6.43
C LYS B 116 -27.92 6.97 -5.88
N GLY B 117 -28.08 7.43 -4.63
CA GLY B 117 -29.39 7.58 -4.04
C GLY B 117 -30.09 6.30 -3.65
N THR B 118 -29.36 5.37 -3.05
CA THR B 118 -29.91 4.09 -2.60
C THR B 118 -29.57 3.89 -1.14
N PRO B 119 -30.36 3.06 -0.44
CA PRO B 119 -30.06 2.79 0.99
C PRO B 119 -28.87 1.88 1.20
N ILE B 120 -28.32 1.28 0.14
CA ILE B 120 -27.20 0.36 0.29
C ILE B 120 -25.96 1.14 0.67
N ASP B 121 -25.33 0.73 1.78
CA ASP B 121 -24.17 1.43 2.30
C ASP B 121 -22.97 0.52 2.55
N SER B 122 -23.11 -0.80 2.40
CA SER B 122 -22.00 -1.72 2.65
C SER B 122 -22.19 -2.98 1.82
N ALA B 123 -21.15 -3.81 1.81
CA ALA B 123 -21.27 -5.13 1.18
C ALA B 123 -22.21 -6.04 1.95
N ASP B 124 -22.33 -5.83 3.26
CA ASP B 124 -23.26 -6.63 4.05
C ASP B 124 -24.70 -6.40 3.58
N ASP B 125 -25.05 -5.15 3.27
CA ASP B 125 -26.39 -4.86 2.79
C ASP B 125 -26.67 -5.57 1.47
N LEU B 126 -25.63 -5.85 0.68
CA LEU B 126 -25.81 -6.62 -0.54
C LEU B 126 -25.93 -8.11 -0.26
N ALA B 127 -25.11 -8.62 0.65
CA ALA B 127 -25.16 -10.05 0.96
C ALA B 127 -26.47 -10.46 1.60
N LYS B 128 -27.20 -9.53 2.25
CA LYS B 128 -28.43 -9.88 2.93
C LYS B 128 -29.59 -10.12 1.98
N GLN B 129 -29.60 -9.46 0.83
CA GLN B 129 -30.75 -9.46 -0.06
C GLN B 129 -30.37 -10.04 -1.42
N THR B 130 -31.38 -10.23 -2.26
CA THR B 130 -31.19 -10.77 -3.59
C THR B 130 -31.90 -9.97 -4.67
N LYS B 131 -32.70 -8.96 -4.32
CA LYS B 131 -33.37 -8.15 -5.33
C LYS B 131 -32.34 -7.40 -6.17
N ILE B 132 -31.32 -6.85 -5.52
CA ILE B 132 -30.25 -6.14 -6.20
C ILE B 132 -29.17 -7.17 -6.54
N GLU B 133 -28.98 -7.42 -7.83
CA GLU B 133 -27.95 -8.35 -8.29
C GLU B 133 -26.59 -7.70 -8.20
N TYR B 134 -25.56 -8.51 -7.95
CA TYR B 134 -24.20 -8.01 -7.84
C TYR B 134 -23.23 -9.08 -8.31
N GLY B 135 -22.08 -8.63 -8.78
CA GLY B 135 -21.08 -9.53 -9.29
C GLY B 135 -19.81 -8.80 -9.61
N ALA B 136 -19.01 -9.39 -10.50
CA ALA B 136 -17.71 -8.83 -10.85
C ALA B 136 -17.29 -9.34 -12.22
N VAL B 137 -16.14 -8.87 -12.69
CA VAL B 137 -15.60 -9.31 -13.97
C VAL B 137 -15.10 -10.75 -13.83
N ARG B 138 -15.35 -11.55 -14.86
CA ARG B 138 -14.97 -12.95 -14.82
C ARG B 138 -13.45 -13.11 -14.81
N ASP B 139 -12.96 -14.00 -13.96
CA ASP B 139 -11.55 -14.40 -13.91
C ASP B 139 -10.61 -13.26 -13.55
N GLY B 140 -11.12 -12.20 -12.89
CA GLY B 140 -10.27 -11.16 -12.37
C GLY B 140 -9.91 -11.38 -10.91
N SER B 141 -8.87 -10.68 -10.46
CA SER B 141 -8.45 -10.82 -9.07
C SER B 141 -9.59 -10.48 -8.11
N THR B 142 -10.42 -9.49 -8.48
CA THR B 142 -11.59 -9.16 -7.67
C THR B 142 -12.49 -10.37 -7.49
N MET B 143 -12.82 -11.05 -8.59
CA MET B 143 -13.64 -12.25 -8.51
C MET B 143 -12.93 -13.34 -7.71
N THR B 144 -11.66 -13.58 -8.01
CA THR B 144 -10.91 -14.63 -7.32
C THR B 144 -10.90 -14.41 -5.81
N PHE B 145 -10.92 -13.16 -5.36
CA PHE B 145 -11.03 -12.90 -3.93
C PHE B 145 -12.26 -13.57 -3.35
N PHE B 146 -13.42 -13.34 -3.95
CA PHE B 146 -14.65 -13.95 -3.46
C PHE B 146 -14.63 -15.45 -3.65
N LYS B 147 -14.03 -15.93 -4.75
CA LYS B 147 -14.02 -17.37 -4.99
C LYS B 147 -13.20 -18.11 -3.94
N LYS B 148 -12.10 -17.51 -3.48
CA LYS B 148 -11.21 -18.17 -2.54
C LYS B 148 -11.43 -17.73 -1.10
N SER B 149 -12.25 -16.71 -0.87
CA SER B 149 -12.42 -16.18 0.47
C SER B 149 -13.14 -17.16 1.37
N LYS B 150 -12.74 -17.21 2.64
CA LYS B 150 -13.40 -18.02 3.66
C LYS B 150 -14.23 -17.18 4.62
N ILE B 151 -14.31 -15.87 4.40
CA ILE B 151 -15.16 -15.03 5.22
C ILE B 151 -16.62 -15.36 4.94
N SER B 152 -17.45 -15.35 5.99
CA SER B 152 -18.85 -15.75 5.85
C SER B 152 -19.57 -14.87 4.85
N THR B 153 -19.50 -13.56 5.02
CA THR B 153 -20.21 -12.64 4.14
C THR B 153 -19.78 -12.82 2.69
N TYR B 154 -18.46 -12.86 2.46
CA TYR B 154 -17.95 -13.00 1.11
C TYR B 154 -18.21 -14.39 0.55
N GLU B 155 -18.33 -15.41 1.41
CA GLU B 155 -18.77 -16.72 0.94
C GLU B 155 -20.21 -16.66 0.42
N LYS B 156 -21.09 -15.98 1.16
CA LYS B 156 -22.47 -15.81 0.70
C LYS B 156 -22.51 -15.06 -0.63
N MET B 157 -21.78 -13.94 -0.72
CA MET B 157 -21.74 -13.18 -1.96
C MET B 157 -21.20 -14.02 -3.11
N TRP B 158 -20.15 -14.80 -2.86
CA TRP B 158 -19.61 -15.66 -3.90
C TRP B 158 -20.63 -16.69 -4.37
N ALA B 159 -21.32 -17.33 -3.42
CA ALA B 159 -22.39 -18.25 -3.78
C ALA B 159 -23.39 -17.58 -4.71
N PHE B 160 -23.82 -16.36 -4.35
CA PHE B 160 -24.78 -15.64 -5.18
C PHE B 160 -24.22 -15.39 -6.58
N MET B 161 -22.96 -14.96 -6.66
CA MET B 161 -22.37 -14.68 -7.97
C MET B 161 -22.29 -15.92 -8.83
N SER B 162 -21.96 -17.06 -8.24
CA SER B 162 -21.77 -18.29 -9.02
C SER B 162 -23.09 -18.88 -9.48
N SER B 163 -24.14 -18.81 -8.66
CA SER B 163 -25.41 -19.43 -9.03
C SER B 163 -25.88 -18.96 -10.41
N ARG B 164 -26.72 -19.77 -11.06
CA ARG B 164 -27.29 -19.44 -12.38
C ARG B 164 -26.22 -19.39 -13.46
N GLN B 165 -25.28 -20.34 -13.41
CA GLN B 165 -24.23 -20.46 -14.43
C GLN B 165 -23.42 -19.17 -14.54
N GLN B 166 -23.12 -18.55 -13.40
CA GLN B 166 -22.32 -17.32 -13.34
C GLN B 166 -22.95 -16.20 -14.14
N SER B 167 -24.28 -16.09 -14.07
CA SER B 167 -24.99 -15.05 -14.82
C SER B 167 -24.76 -13.65 -14.24
N ALA B 168 -24.36 -13.55 -12.97
CA ALA B 168 -24.13 -12.26 -12.34
C ALA B 168 -22.76 -11.68 -12.63
N LEU B 169 -21.87 -12.46 -13.23
CA LEU B 169 -20.54 -11.97 -13.59
C LEU B 169 -20.58 -11.38 -15.00
N VAL B 170 -19.73 -10.38 -15.22
CA VAL B 170 -19.61 -9.74 -16.53
C VAL B 170 -18.25 -10.08 -17.11
N LYS B 171 -18.11 -9.86 -18.41
CA LYS B 171 -16.87 -10.25 -19.10
C LYS B 171 -15.77 -9.22 -18.91
N ASN B 172 -16.11 -7.93 -18.93
CA ASN B 172 -15.12 -6.87 -18.80
C ASN B 172 -15.72 -5.72 -17.99
N SER B 173 -14.90 -4.71 -17.72
CA SER B 173 -15.34 -3.59 -16.89
C SER B 173 -16.42 -2.78 -17.59
N ASP B 174 -16.26 -2.53 -18.90
CA ASP B 174 -17.24 -1.73 -19.62
C ASP B 174 -18.63 -2.36 -19.51
N GLU B 175 -18.73 -3.66 -19.77
CA GLU B 175 -20.01 -4.36 -19.68
C GLU B 175 -20.62 -4.22 -18.29
N GLY B 176 -19.80 -4.33 -17.24
CA GLY B 176 -20.31 -4.18 -15.89
C GLY B 176 -20.83 -2.78 -15.61
N ILE B 177 -20.09 -1.77 -16.06
CA ILE B 177 -20.53 -0.39 -15.86
C ILE B 177 -21.86 -0.15 -16.55
N GLN B 178 -21.99 -0.60 -17.81
CA GLN B 178 -23.25 -0.45 -18.53
C GLN B 178 -24.38 -1.20 -17.81
N ARG B 179 -24.07 -2.35 -17.20
CA ARG B 179 -25.08 -3.08 -16.44
C ARG B 179 -25.51 -2.32 -15.19
N VAL B 180 -24.59 -1.57 -14.56
CA VAL B 180 -24.98 -0.75 -13.43
C VAL B 180 -25.83 0.44 -13.89
N LEU B 181 -25.48 1.03 -15.04
CA LEU B 181 -26.17 2.21 -15.53
C LEU B 181 -27.54 1.90 -16.15
N THR B 182 -27.78 0.65 -16.52
CA THR B 182 -29.03 0.29 -17.18
C THR B 182 -29.97 -0.50 -16.29
N THR B 183 -29.44 -1.31 -15.38
CA THR B 183 -30.26 -2.21 -14.59
C THR B 183 -30.02 -2.01 -13.10
N ASP B 184 -30.53 -2.94 -12.29
CA ASP B 184 -30.36 -2.90 -10.84
C ASP B 184 -29.20 -3.82 -10.44
N TYR B 185 -27.98 -3.34 -10.71
CA TYR B 185 -26.77 -4.13 -10.57
C TYR B 185 -25.70 -3.33 -9.85
N ALA B 186 -24.94 -4.00 -8.99
CA ALA B 186 -23.79 -3.43 -8.30
C ALA B 186 -22.55 -4.21 -8.72
N LEU B 187 -21.48 -3.49 -9.07
CA LEU B 187 -20.28 -4.10 -9.62
C LEU B 187 -19.16 -4.05 -8.58
N LEU B 188 -18.72 -5.22 -8.13
CA LEU B 188 -17.52 -5.30 -7.30
C LEU B 188 -16.29 -5.01 -8.15
N MET B 189 -15.53 -3.99 -7.76
CA MET B 189 -14.53 -3.41 -8.63
C MET B 189 -13.38 -2.89 -7.78
N GLU B 190 -12.23 -2.69 -8.41
CA GLU B 190 -11.10 -2.10 -7.69
C GLU B 190 -11.28 -0.60 -7.55
N SER B 191 -10.80 -0.08 -6.41
CA SER B 191 -11.16 1.27 -6.00
C SER B 191 -10.66 2.32 -6.99
N THR B 192 -9.47 2.10 -7.56
CA THR B 192 -8.91 3.09 -8.48
C THR B 192 -9.80 3.28 -9.70
N SER B 193 -10.22 2.16 -10.31
CA SER B 193 -11.15 2.24 -11.43
C SER B 193 -12.44 2.94 -11.02
N ILE B 194 -12.92 2.66 -9.80
CA ILE B 194 -14.13 3.32 -9.32
C ILE B 194 -13.92 4.83 -9.25
N GLU B 195 -12.77 5.27 -8.74
CA GLU B 195 -12.46 6.70 -8.73
C GLU B 195 -12.50 7.27 -10.14
N TYR B 196 -11.91 6.56 -11.11
CA TYR B 196 -11.91 7.05 -12.48
C TYR B 196 -13.32 7.17 -13.05
N VAL B 197 -14.19 6.21 -12.72
CA VAL B 197 -15.52 6.18 -13.31
C VAL B 197 -16.45 7.22 -12.67
N THR B 198 -16.44 7.31 -11.34
CA THR B 198 -17.39 8.18 -10.66
C THR B 198 -17.15 9.66 -10.98
N GLN B 199 -15.96 10.02 -11.44
CA GLN B 199 -15.71 11.38 -11.91
C GLN B 199 -16.06 11.57 -13.39
N ARG B 200 -16.33 10.50 -14.13
CA ARG B 200 -16.71 10.61 -15.53
C ARG B 200 -18.20 10.49 -15.75
N ASN B 201 -18.90 9.75 -14.90
CA ASN B 201 -20.34 9.52 -15.02
C ASN B 201 -20.93 9.73 -13.64
N CYS B 202 -21.66 10.83 -13.48
CA CYS B 202 -22.13 11.25 -12.15
C CYS B 202 -23.34 10.47 -11.66
N ASN B 203 -23.90 9.57 -12.47
CA ASN B 203 -24.93 8.66 -11.98
C ASN B 203 -24.36 7.58 -11.07
N LEU B 204 -23.04 7.45 -11.00
CA LEU B 204 -22.39 6.40 -10.26
C LEU B 204 -21.68 6.93 -9.03
N THR B 205 -21.46 6.02 -8.08
CA THR B 205 -20.76 6.34 -6.83
C THR B 205 -20.24 5.04 -6.24
N GLN B 206 -19.35 5.21 -5.26
CA GLN B 206 -18.79 4.09 -4.53
C GLN B 206 -19.63 3.83 -3.28
N ILE B 207 -19.96 2.56 -3.05
CA ILE B 207 -20.73 2.14 -1.89
C ILE B 207 -19.79 1.45 -0.92
N GLY B 208 -19.82 1.89 0.34
CA GLY B 208 -18.92 1.35 1.33
C GLY B 208 -17.48 1.77 1.10
N GLY B 209 -16.59 1.20 1.90
CA GLY B 209 -15.17 1.41 1.80
C GLY B 209 -14.45 0.31 1.03
N LEU B 210 -13.20 0.06 1.41
CA LEU B 210 -12.38 -0.98 0.80
C LEU B 210 -12.48 -2.26 1.62
N ILE B 211 -12.83 -3.37 0.96
CA ILE B 211 -12.94 -4.65 1.66
C ILE B 211 -11.60 -5.37 1.80
N ASP B 212 -10.58 -4.94 1.06
CA ASP B 212 -9.24 -5.49 1.22
C ASP B 212 -8.25 -4.45 0.74
N SER B 213 -6.97 -4.74 0.98
CA SER B 213 -5.89 -3.81 0.63
C SER B 213 -4.89 -4.56 -0.24
N LYS B 214 -4.53 -3.95 -1.37
CA LYS B 214 -3.56 -4.54 -2.28
C LYS B 214 -3.01 -3.42 -3.14
N GLY B 215 -2.09 -3.77 -4.04
CA GLY B 215 -1.48 -2.75 -4.88
C GLY B 215 -1.16 -3.28 -6.27
N TYR B 216 -0.99 -2.32 -7.18
CA TYR B 216 -0.47 -2.62 -8.52
C TYR B 216 1.05 -2.62 -8.46
N GLY B 217 1.67 -3.64 -9.03
CA GLY B 217 3.11 -3.72 -9.08
C GLY B 217 3.60 -4.01 -10.49
N VAL B 218 4.81 -3.54 -10.77
CA VAL B 218 5.46 -3.86 -12.04
C VAL B 218 5.91 -5.32 -11.98
N GLY B 219 5.51 -6.09 -12.98
CA GLY B 219 5.81 -7.51 -13.00
C GLY B 219 7.13 -7.77 -13.72
N THR B 220 7.90 -8.71 -13.18
CA THR B 220 9.12 -9.18 -13.80
C THR B 220 9.20 -10.69 -13.61
N PRO B 221 9.94 -11.39 -14.47
CA PRO B 221 10.12 -12.83 -14.26
C PRO B 221 10.93 -13.11 -13.00
N ILE B 222 10.73 -14.30 -12.44
CA ILE B 222 11.46 -14.68 -11.23
C ILE B 222 12.95 -14.58 -11.49
N GLY B 223 13.66 -13.96 -10.55
CA GLY B 223 15.09 -13.77 -10.65
C GLY B 223 15.51 -12.56 -11.45
N SER B 224 14.57 -11.68 -11.80
CA SER B 224 14.91 -10.54 -12.62
C SER B 224 15.80 -9.56 -11.86
N PRO B 225 16.94 -9.15 -12.41
CA PRO B 225 17.75 -8.13 -11.72
C PRO B 225 17.10 -6.75 -11.71
N TYR B 226 16.02 -6.55 -12.47
CA TYR B 226 15.34 -5.27 -12.55
C TYR B 226 14.26 -5.09 -11.49
N ARG B 227 13.82 -6.15 -10.82
CA ARG B 227 12.73 -6.04 -9.86
C ARG B 227 13.08 -5.05 -8.76
N ASP B 228 14.23 -5.24 -8.12
CA ASP B 228 14.64 -4.39 -7.01
C ASP B 228 14.93 -2.97 -7.48
N LYS B 229 15.58 -2.83 -8.64
CA LYS B 229 15.88 -1.49 -9.16
C LYS B 229 14.61 -0.73 -9.46
N ILE B 230 13.58 -1.43 -9.93
CA ILE B 230 12.30 -0.79 -10.22
C ILE B 230 11.58 -0.46 -8.92
N THR B 231 11.68 -1.33 -7.90
CA THR B 231 11.16 -0.96 -6.59
C THR B 231 11.77 0.33 -6.09
N ILE B 232 13.10 0.42 -6.12
CA ILE B 232 13.79 1.62 -5.64
C ILE B 232 13.35 2.83 -6.45
N ALA B 233 13.24 2.68 -7.77
CA ALA B 233 12.80 3.79 -8.61
C ALA B 233 11.38 4.24 -8.25
N ILE B 234 10.48 3.29 -7.99
CA ILE B 234 9.11 3.64 -7.61
C ILE B 234 9.10 4.39 -6.29
N LEU B 235 9.91 3.95 -5.31
CA LEU B 235 9.99 4.65 -4.05
C LEU B 235 10.52 6.07 -4.25
N GLN B 236 11.57 6.23 -5.05
CA GLN B 236 12.07 7.56 -5.36
C GLN B 236 10.99 8.44 -5.98
N LEU B 237 10.20 7.88 -6.91
CA LEU B 237 9.15 8.65 -7.55
C LEU B 237 8.02 8.98 -6.59
N GLN B 238 7.79 8.12 -5.61
CA GLN B 238 6.73 8.39 -4.63
C GLN B 238 7.17 9.49 -3.66
N GLU B 239 8.44 9.47 -3.24
CA GLU B 239 8.90 10.46 -2.27
C GLU B 239 9.04 11.85 -2.90
N GLU B 240 9.31 11.91 -4.20
CA GLU B 240 9.33 13.18 -4.93
C GLU B 240 7.94 13.70 -5.23
N GLY B 241 6.90 12.89 -5.01
CA GLY B 241 5.54 13.30 -5.30
C GLY B 241 5.16 13.18 -6.76
N LYS B 242 5.94 12.43 -7.54
CA LYS B 242 5.68 12.37 -8.98
C LYS B 242 4.52 11.45 -9.30
N LEU B 243 4.41 10.32 -8.58
CA LEU B 243 3.27 9.44 -8.77
C LEU B 243 1.97 10.18 -8.50
N HIS B 244 1.94 10.98 -7.44
CA HIS B 244 0.76 11.78 -7.14
C HIS B 244 0.41 12.68 -8.33
N MET B 245 1.42 13.35 -8.89
CA MET B 245 1.18 14.23 -10.03
C MET B 245 0.62 13.44 -11.22
N MET B 246 1.13 12.23 -11.45
CA MET B 246 0.68 11.43 -12.58
C MET B 246 -0.77 10.99 -12.41
N LYS B 247 -1.12 10.49 -11.21
CA LYS B 247 -2.50 10.12 -10.95
C LYS B 247 -3.43 11.32 -11.08
N GLU B 248 -3.04 12.48 -10.51
CA GLU B 248 -3.87 13.68 -10.67
C GLU B 248 -4.05 14.01 -12.14
N LYS B 249 -3.00 13.86 -12.93
CA LYS B 249 -3.09 14.17 -14.36
C LYS B 249 -4.10 13.27 -15.06
N TRP B 250 -4.07 11.98 -14.77
CA TRP B 250 -4.89 11.05 -15.54
C TRP B 250 -6.25 10.76 -14.93
N TRP B 251 -6.52 11.20 -13.70
CA TRP B 251 -7.80 10.99 -13.04
C TRP B 251 -8.67 12.23 -13.03
N ARG B 252 -8.25 13.33 -13.67
CA ARG B 252 -9.06 14.52 -13.78
C ARG B 252 -10.00 14.36 -14.97
N GLY B 253 -11.30 14.50 -14.73
CA GLY B 253 -12.29 14.31 -15.77
C GLY B 253 -13.37 15.37 -15.80
N ASN B 254 -14.62 14.92 -15.91
CA ASN B 254 -15.75 15.85 -15.97
C ASN B 254 -15.94 16.61 -14.67
N GLY B 255 -15.39 16.12 -13.55
CA GLY B 255 -15.61 16.74 -12.26
C GLY B 255 -17.05 16.58 -11.81
N CYS B 256 -17.37 15.45 -11.18
CA CYS B 256 -18.73 15.23 -10.72
C CYS B 256 -18.90 15.78 -9.31
N PRO B 257 -20.02 16.45 -8.98
CA PRO B 257 -20.19 16.93 -7.61
C PRO B 257 -20.25 15.78 -6.62
#